data_3HIL
#
_entry.id   3HIL
#
_cell.length_a   52.286
_cell.length_b   52.286
_cell.length_c   81.307
_cell.angle_alpha   90.00
_cell.angle_beta   90.00
_cell.angle_gamma   120.00
#
_symmetry.space_group_name_H-M   'P 31 2 1'
#
loop_
_entity.id
_entity.type
_entity.pdbx_description
1 polymer 'Ephrin type-A receptor 1'
2 non-polymer 'CHLORIDE ION'
3 non-polymer 'NITRATE ION'
4 water water
#
_entity_poly.entity_id   1
_entity_poly.type   'polypeptide(L)'
_entity_poly.pdbx_seq_one_letter_code
;MHHHHHHSSGRENLYFQGDGIPYRTVSEWLESIRMKRYILHFHSAGLDTMECVLELTAEDLTQMGITLPGHQKRILCSIQ
GF
;
_entity_poly.pdbx_strand_id   A,B
#
loop_
_chem_comp.id
_chem_comp.type
_chem_comp.name
_chem_comp.formula
CL non-polymer 'CHLORIDE ION' 'Cl -1'
NO3 non-polymer 'NITRATE ION' 'N O3 -1'
#
# COMPACT_ATOMS: atom_id res chain seq x y z
N GLY A 20 -11.18 1.36 4.61
CA GLY A 20 -10.97 2.83 4.67
C GLY A 20 -11.94 3.65 3.82
N ILE A 21 -11.49 4.76 3.23
CA ILE A 21 -10.08 5.23 3.22
C ILE A 21 -9.33 5.11 4.56
N PRO A 22 -8.21 4.37 4.54
CA PRO A 22 -7.43 4.11 5.75
C PRO A 22 -6.42 5.21 6.11
N TYR A 23 -6.50 6.36 5.42
CA TYR A 23 -5.66 7.52 5.71
C TYR A 23 -6.55 8.76 5.76
N ARG A 24 -6.24 9.68 6.68
CA ARG A 24 -7.08 10.88 6.86
C ARG A 24 -6.54 12.11 6.10
N THR A 25 -5.21 12.19 5.93
CA THR A 25 -4.57 13.26 5.17
C THR A 25 -3.77 12.68 4.00
N VAL A 26 -3.69 13.44 2.90
CA VAL A 26 -2.76 13.16 1.80
C VAL A 26 -1.34 12.95 2.33
N SER A 27 -0.93 13.79 3.28
CA SER A 27 0.44 13.71 3.85
C SER A 27 0.71 12.38 4.59
N GLU A 28 -0.27 11.95 5.39
CA GLU A 28 -0.20 10.68 6.12
C GLU A 28 -0.14 9.49 5.13
N TRP A 29 -1.03 9.50 4.15
CA TRP A 29 -1.08 8.48 3.07
C TRP A 29 0.26 8.38 2.33
N LEU A 30 0.75 9.52 1.84
CA LEU A 30 2.01 9.52 1.11
C LEU A 30 3.16 9.02 1.96
N GLU A 31 3.24 9.48 3.22
CA GLU A 31 4.29 8.99 4.13
C GLU A 31 4.21 7.45 4.33
N SER A 32 2.99 6.92 4.45
CA SER A 32 2.77 5.49 4.69
C SER A 32 3.25 4.63 3.51
N ILE A 33 3.22 5.19 2.31
CA ILE A 33 3.70 4.47 1.10
C ILE A 33 5.07 4.97 0.64
N ARG A 34 5.67 5.83 1.45
CA ARG A 34 7.04 6.31 1.27
C ARG A 34 7.16 7.16 0.01
N MET A 35 6.12 7.95 -0.25
CA MET A 35 6.08 8.82 -1.41
C MET A 35 5.83 10.25 -1.01
N LYS A 36 6.14 10.58 0.23
CA LYS A 36 6.05 11.98 0.70
C LYS A 36 7.00 12.93 -0.06
N ARG A 37 7.97 12.36 -0.78
CA ARG A 37 8.78 13.17 -1.67
C ARG A 37 7.91 13.88 -2.72
N TYR A 38 6.68 13.41 -2.93
CA TYR A 38 5.81 14.00 -3.94
C TYR A 38 4.72 14.89 -3.37
N ILE A 39 4.84 15.27 -2.09
CA ILE A 39 3.81 16.04 -1.43
C ILE A 39 3.52 17.38 -2.12
N LEU A 40 4.55 18.11 -2.49
CA LEU A 40 4.37 19.37 -3.21
C LEU A 40 3.67 19.20 -4.58
N HIS A 41 3.97 18.09 -5.26
CA HIS A 41 3.36 17.76 -6.54
C HIS A 41 1.82 17.63 -6.40
N PHE A 42 1.38 16.91 -5.36
CA PHE A 42 -0.05 16.84 -5.03
C PHE A 42 -0.68 18.19 -4.66
N HIS A 43 0.02 18.99 -3.86
CA HIS A 43 -0.61 20.24 -3.41
C HIS A 43 -0.69 21.27 -4.53
N SER A 44 0.37 21.39 -5.33
CA SER A 44 0.36 22.36 -6.42
C SER A 44 -0.57 21.97 -7.56
N ALA A 45 -1.06 20.73 -7.55
CA ALA A 45 -2.10 20.28 -8.48
C ALA A 45 -3.48 20.31 -7.81
N GLY A 46 -3.55 20.89 -6.62
CA GLY A 46 -4.79 21.08 -5.89
C GLY A 46 -5.47 19.82 -5.37
N LEU A 47 -4.67 18.84 -4.95
CA LEU A 47 -5.13 17.56 -4.43
C LEU A 47 -4.77 17.51 -2.95
N ASP A 48 -5.57 18.15 -2.10
CA ASP A 48 -5.18 18.30 -0.69
C ASP A 48 -6.00 17.49 0.31
N THR A 49 -6.95 16.70 -0.20
CA THR A 49 -7.68 15.73 0.63
C THR A 49 -7.65 14.36 -0.03
N MET A 50 -7.90 13.31 0.76
CA MET A 50 -7.93 11.92 0.28
C MET A 50 -8.95 11.68 -0.85
N GLU A 51 -10.08 12.38 -0.79
CA GLU A 51 -11.15 12.24 -1.79
C GLU A 51 -10.68 12.75 -3.15
N CYS A 52 -9.75 13.71 -3.14
CA CYS A 52 -9.19 14.26 -4.39
C CYS A 52 -8.41 13.24 -5.21
N VAL A 53 -7.91 12.17 -4.56
CA VAL A 53 -6.92 11.28 -5.22
C VAL A 53 -7.49 9.95 -5.77
N LEU A 54 -8.73 9.63 -5.40
CA LEU A 54 -9.32 8.31 -5.59
C LEU A 54 -9.38 7.86 -7.04
N GLU A 55 -9.48 8.82 -7.94
CA GLU A 55 -9.69 8.52 -9.35
C GLU A 55 -8.47 8.89 -10.21
N LEU A 56 -7.32 9.06 -9.58
CA LEU A 56 -6.07 9.36 -10.28
C LEU A 56 -5.63 8.27 -11.25
N THR A 57 -5.06 8.67 -12.39
CA THR A 57 -4.55 7.74 -13.39
C THR A 57 -3.07 8.00 -13.63
N ALA A 58 -2.41 7.11 -14.36
CA ALA A 58 -1.02 7.35 -14.72
C ALA A 58 -0.84 8.60 -15.58
N GLU A 59 -1.85 8.96 -16.37
CA GLU A 59 -1.83 10.19 -17.14
C GLU A 59 -1.86 11.41 -16.22
N ASP A 60 -2.73 11.38 -15.20
CA ASP A 60 -2.79 12.41 -14.16
C ASP A 60 -1.45 12.58 -13.45
N LEU A 61 -0.85 11.47 -13.03
CA LEU A 61 0.47 11.52 -12.40
C LEU A 61 1.54 12.19 -13.30
N THR A 62 1.64 11.74 -14.56
CA THR A 62 2.59 12.29 -15.53
C THR A 62 2.41 13.81 -15.64
N GLN A 63 1.16 14.23 -15.88
CA GLN A 63 0.80 15.65 -16.03
C GLN A 63 1.12 16.43 -14.76
N MET A 64 1.11 15.72 -13.64
CA MET A 64 1.47 16.22 -12.31
C MET A 64 3.00 16.29 -12.11
N GLY A 65 3.76 15.69 -13.04
CA GLY A 65 5.23 15.62 -12.91
C GLY A 65 5.72 14.39 -12.15
N ILE A 66 4.86 13.39 -11.95
CA ILE A 66 5.26 12.13 -11.26
C ILE A 66 5.35 11.06 -12.35
N THR A 67 6.53 10.87 -12.93
CA THR A 67 6.66 10.13 -14.18
C THR A 67 7.42 8.82 -14.03
N LEU A 68 8.20 8.66 -12.97
CA LEU A 68 8.90 7.38 -12.77
C LEU A 68 7.84 6.25 -12.57
N PRO A 69 7.85 5.23 -13.46
CA PRO A 69 6.85 4.16 -13.50
C PRO A 69 6.68 3.37 -12.18
N GLY A 70 7.78 3.00 -11.51
CA GLY A 70 7.64 2.30 -10.22
C GLY A 70 6.98 3.20 -9.18
N HIS A 71 7.13 4.53 -9.30
CA HIS A 71 6.48 5.44 -8.34
C HIS A 71 5.01 5.61 -8.68
N GLN A 72 4.72 5.74 -9.97
CA GLN A 72 3.31 5.71 -10.39
C GLN A 72 2.62 4.44 -9.88
N LYS A 73 3.26 3.30 -10.10
CA LYS A 73 2.75 2.02 -9.60
C LYS A 73 2.56 2.00 -8.07
N ARG A 74 3.57 2.44 -7.32
CA ARG A 74 3.42 2.54 -5.86
C ARG A 74 2.16 3.33 -5.45
N ILE A 75 1.99 4.49 -6.06
CA ILE A 75 0.84 5.36 -5.77
C ILE A 75 -0.51 4.72 -6.21
N LEU A 76 -0.57 4.27 -7.46
CA LEU A 76 -1.83 3.74 -8.01
C LEU A 76 -2.22 2.41 -7.32
N CYS A 77 -1.25 1.54 -7.06
CA CYS A 77 -1.55 0.32 -6.27
C CYS A 77 -2.10 0.61 -4.87
N SER A 78 -1.54 1.62 -4.22
CA SER A 78 -2.02 2.05 -2.90
C SER A 78 -3.47 2.47 -2.93
N ILE A 79 -3.82 3.35 -3.89
CA ILE A 79 -5.22 3.77 -4.04
C ILE A 79 -6.20 2.59 -4.31
N GLN A 80 -5.80 1.70 -5.22
CA GLN A 80 -6.56 0.43 -5.43
C GLN A 80 -6.71 -0.42 -4.14
N GLY A 81 -5.72 -0.35 -3.27
CA GLY A 81 -5.74 -1.09 -2.00
C GLY A 81 -6.63 -0.51 -0.93
N PHE A 82 -7.13 0.74 -1.08
CA PHE A 82 -7.95 1.36 -0.01
C PHE A 82 -9.13 0.52 0.39
N ILE B 21 11.83 -2.90 -1.55
CA ILE B 21 10.81 -2.93 -0.43
C ILE B 21 10.96 -1.69 0.46
N PRO B 22 9.98 -0.78 0.42
CA PRO B 22 10.21 0.51 1.11
C PRO B 22 9.99 0.43 2.63
N TYR B 23 9.93 -0.79 3.17
CA TYR B 23 9.67 -1.03 4.59
C TYR B 23 10.76 -1.91 5.21
N ARG B 24 11.13 -1.62 6.46
CA ARG B 24 12.15 -2.44 7.15
C ARG B 24 11.63 -3.74 7.78
N THR B 25 10.44 -3.69 8.39
CA THR B 25 9.95 -4.88 9.09
C THR B 25 8.55 -5.16 8.60
N VAL B 26 8.11 -6.40 8.83
CA VAL B 26 6.74 -6.81 8.57
C VAL B 26 5.78 -5.98 9.43
N SER B 27 6.16 -5.68 10.69
CA SER B 27 5.25 -4.88 11.53
C SER B 27 5.03 -3.48 10.98
N GLU B 28 6.12 -2.82 10.60
CA GLU B 28 6.11 -1.49 10.04
C GLU B 28 5.29 -1.47 8.73
N TRP B 29 5.57 -2.41 7.84
CA TRP B 29 4.79 -2.57 6.60
C TRP B 29 3.28 -2.72 6.89
N LEU B 30 2.88 -3.64 7.76
CA LEU B 30 1.45 -3.82 8.03
C LEU B 30 0.81 -2.61 8.71
N GLU B 31 1.53 -2.01 9.66
CA GLU B 31 1.07 -0.77 10.27
C GLU B 31 0.86 0.31 9.21
N SER B 32 1.76 0.41 8.23
CA SER B 32 1.63 1.38 7.12
C SER B 32 0.37 1.17 6.27
N ILE B 33 -0.05 -0.08 6.12
CA ILE B 33 -1.28 -0.36 5.41
C ILE B 33 -2.45 -0.64 6.35
N ARG B 34 -2.27 -0.38 7.65
CA ARG B 34 -3.37 -0.52 8.63
C ARG B 34 -3.88 -1.96 8.75
N MET B 35 -2.96 -2.91 8.71
CA MET B 35 -3.28 -4.34 8.80
C MET B 35 -2.38 -5.00 9.86
N LYS B 36 -1.97 -4.22 10.87
CA LYS B 36 -1.15 -4.81 11.94
C LYS B 36 -1.91 -5.89 12.74
N ARG B 37 -3.24 -5.91 12.62
CA ARG B 37 -4.03 -6.97 13.25
C ARG B 37 -3.62 -8.38 12.76
N TYR B 38 -2.96 -8.45 11.60
CA TYR B 38 -2.51 -9.73 11.08
C TYR B 38 -1.07 -10.10 11.36
N ILE B 39 -0.38 -9.35 12.20
CA ILE B 39 1.06 -9.59 12.38
C ILE B 39 1.41 -11.00 12.89
N LEU B 40 0.56 -11.57 13.77
CA LEU B 40 0.77 -12.93 14.25
C LEU B 40 0.46 -14.00 13.19
N HIS B 41 -0.44 -13.66 12.27
CA HIS B 41 -0.75 -14.52 11.13
C HIS B 41 0.48 -14.70 10.26
N PHE B 42 1.19 -13.62 10.00
CA PHE B 42 2.46 -13.68 9.30
C PHE B 42 3.55 -14.49 10.01
N HIS B 43 3.72 -14.25 11.32
N HIS B 43 3.73 -14.27 11.32
CA HIS B 43 4.64 -15.03 12.16
CA HIS B 43 4.72 -15.05 12.06
C HIS B 43 4.39 -16.53 12.05
C HIS B 43 4.42 -16.55 12.10
N SER B 44 3.16 -16.94 12.33
CA SER B 44 2.84 -18.39 12.37
C SER B 44 3.05 -19.04 11.00
N ALA B 45 2.86 -18.29 9.91
CA ALA B 45 3.08 -18.80 8.55
C ALA B 45 4.54 -18.85 8.18
N GLY B 46 5.37 -18.26 9.04
CA GLY B 46 6.83 -18.28 8.88
C GLY B 46 7.32 -17.17 7.94
N LEU B 47 6.53 -16.10 7.83
CA LEU B 47 6.87 -15.00 6.97
C LEU B 47 7.27 -13.84 7.88
N ASP B 48 8.51 -13.84 8.33
CA ASP B 48 8.86 -12.88 9.39
C ASP B 48 9.76 -11.75 8.90
N THR B 49 10.15 -11.78 7.63
CA THR B 49 10.86 -10.65 7.02
C THR B 49 10.14 -10.15 5.78
N MET B 50 10.52 -8.96 5.31
CA MET B 50 9.91 -8.39 4.10
C MET B 50 10.14 -9.26 2.84
N GLU B 51 11.34 -9.82 2.70
CA GLU B 51 11.58 -10.69 1.57
C GLU B 51 10.62 -11.88 1.50
N CYS B 52 10.15 -12.37 2.65
CA CYS B 52 9.25 -13.54 2.70
C CYS B 52 7.89 -13.31 1.98
N VAL B 53 7.46 -12.05 1.89
CA VAL B 53 6.08 -11.75 1.47
C VAL B 53 5.99 -11.45 -0.03
N LEU B 54 7.11 -11.41 -0.72
CA LEU B 54 7.13 -10.98 -2.12
C LEU B 54 6.22 -11.79 -3.05
N GLU B 55 6.07 -13.08 -2.81
CA GLU B 55 5.31 -13.92 -3.76
C GLU B 55 3.96 -14.37 -3.22
N LEU B 56 3.50 -13.71 -2.17
CA LEU B 56 2.23 -14.10 -1.55
C LEU B 56 1.07 -14.02 -2.55
N THR B 57 0.15 -14.96 -2.43
CA THR B 57 -1.05 -14.96 -3.26
C THR B 57 -2.27 -14.86 -2.34
N ALA B 58 -3.44 -14.68 -2.94
CA ALA B 58 -4.67 -14.71 -2.22
C ALA B 58 -4.84 -16.06 -1.51
N GLU B 59 -4.46 -17.11 -2.20
N GLU B 59 -4.48 -17.14 -2.18
CA GLU B 59 -4.56 -18.46 -1.67
CA GLU B 59 -4.60 -18.46 -1.61
C GLU B 59 -3.75 -18.63 -0.39
C GLU B 59 -3.77 -18.58 -0.34
N ASP B 60 -2.54 -18.08 -0.36
CA ASP B 60 -1.67 -18.06 0.86
C ASP B 60 -2.40 -17.34 2.01
N LEU B 61 -2.98 -16.18 1.71
CA LEU B 61 -3.65 -15.35 2.70
C LEU B 61 -4.82 -16.13 3.33
N THR B 62 -5.67 -16.73 2.49
CA THR B 62 -6.74 -17.63 2.99
C THR B 62 -6.19 -18.73 3.96
N GLN B 63 -5.06 -19.32 3.55
N GLN B 63 -5.08 -19.36 3.59
CA GLN B 63 -4.40 -20.39 4.32
CA GLN B 63 -4.56 -20.42 4.46
C GLN B 63 -3.84 -19.87 5.65
C GLN B 63 -3.89 -19.86 5.72
N MET B 64 -3.62 -18.56 5.73
CA MET B 64 -3.13 -17.87 6.93
C MET B 64 -4.29 -17.44 7.86
N GLY B 65 -5.52 -17.66 7.42
CA GLY B 65 -6.67 -17.17 8.14
C GLY B 65 -7.00 -15.71 7.81
N ILE B 66 -6.42 -15.17 6.72
CA ILE B 66 -6.70 -13.80 6.31
C ILE B 66 -7.65 -13.88 5.11
N THR B 67 -8.95 -13.94 5.41
CA THR B 67 -9.97 -14.39 4.48
C THR B 67 -10.89 -13.28 3.93
N LEU B 68 -10.95 -12.12 4.61
CA LEU B 68 -11.78 -10.98 4.17
C LEU B 68 -11.21 -10.43 2.88
N PRO B 69 -12.04 -10.38 1.83
CA PRO B 69 -11.46 -9.97 0.56
C PRO B 69 -10.89 -8.56 0.59
N GLY B 70 -11.48 -7.69 1.41
CA GLY B 70 -11.02 -6.30 1.54
C GLY B 70 -9.60 -6.28 2.05
N HIS B 71 -9.33 -7.16 3.02
CA HIS B 71 -8.03 -7.25 3.67
C HIS B 71 -7.00 -7.89 2.79
N GLN B 72 -7.39 -8.94 2.09
CA GLN B 72 -6.51 -9.49 1.08
C GLN B 72 -6.10 -8.44 0.05
N LYS B 73 -7.07 -7.63 -0.44
CA LYS B 73 -6.77 -6.64 -1.48
C LYS B 73 -5.78 -5.61 -0.95
N ARG B 74 -6.03 -5.08 0.25
CA ARG B 74 -5.13 -4.11 0.87
C ARG B 74 -3.69 -4.63 0.89
N ILE B 75 -3.53 -5.89 1.30
CA ILE B 75 -2.21 -6.53 1.44
C ILE B 75 -1.59 -6.78 0.05
N LEU B 76 -2.35 -7.37 -0.85
CA LEU B 76 -1.81 -7.78 -2.15
C LEU B 76 -1.54 -6.54 -3.02
N CYS B 77 -2.41 -5.54 -2.94
CA CYS B 77 -2.13 -4.29 -3.67
C CYS B 77 -0.81 -3.60 -3.16
N SER B 78 -0.62 -3.60 -1.85
N SER B 78 -0.59 -3.61 -1.86
CA SER B 78 0.61 -3.12 -1.24
CA SER B 78 0.63 -3.06 -1.28
C SER B 78 1.82 -3.78 -1.85
C SER B 78 1.87 -3.78 -1.80
N ILE B 79 1.85 -5.11 -1.79
CA ILE B 79 2.96 -5.89 -2.32
C ILE B 79 3.23 -5.58 -3.82
N GLN B 80 2.17 -5.49 -4.63
CA GLN B 80 2.34 -5.19 -6.03
C GLN B 80 2.98 -3.81 -6.21
N GLY B 81 2.72 -2.92 -5.26
CA GLY B 81 3.23 -1.57 -5.30
C GLY B 81 4.65 -1.36 -4.81
N PHE B 82 5.30 -2.39 -4.26
CA PHE B 82 6.68 -2.27 -3.74
C PHE B 82 7.56 -1.79 -4.87
CL CL C . -11.28 13.60 2.23
N NO3 D . 9.29 9.17 0.98
O1 NO3 D . 9.27 9.95 -0.16
O2 NO3 D . 10.42 8.38 1.21
O3 NO3 D . 8.20 9.13 1.86
#